data_2NOB
#
_entry.id   2NOB
#
_cell.length_a   92.359
_cell.length_b   92.359
_cell.length_c   211.726
_cell.angle_alpha   90.000
_cell.angle_beta   90.000
_cell.angle_gamma   120.000
#
_symmetry.space_group_name_H-M   'P 65 2 2'
#
loop_
_entity.id
_entity.type
_entity.pdbx_description
1 polymer "5'-D(*T*GP*GP*TP*AP*GP*AP*CP*CP*TP*GP*GP*AP*CP*GP*C)-3'"
2 polymer "5'-D(*G*CP*GP*TP*CP*CP*AP*(G42)P*GP*TP*CP*TP*AP*CP*C)-3'"
3 polymer 'N-glycosylase/DNA lyase'
4 non-polymer 'CALCIUM ION'
5 water water
#
loop_
_entity_poly.entity_id
_entity_poly.type
_entity_poly.pdbx_seq_one_letter_code
_entity_poly.pdbx_strand_id
1 'polydeoxyribonucleotide' (DT)(DG)(DG)(DT)(DA)(DG)(DA)(DC)(DC)(DT)(DG)(DG)(DA)(DC)(DG)(DC) B
2 'polydeoxyribonucleotide' (DG)(DC)(DG)(DT)(DC)(DC)(DA)(8OG)(DG)(DT)(DC)(DT)(DA)(DC)(DC) C
3 'polypeptide(L)'
;AMADIGSEFGHRTLASTPALWASIPCPRSELRLDLVLPSGQSFRWREQSPAHWSGVLADQVWTLTQTEEQLHCTVYRGDK
SQASRPTPDELEAVRKYFQLDVTLAQLYHHWGSVDSHFQEVAQKFQGVRLLRQDPIECLFSFICSSCNNIARITGMVERL
CQAFGPRLIQLDDVTYHGFPSLQALAGPEVEAHLRKLGLGYRARYVSASARAILEEQGGLAWLQQLRESSYEEAHKALCI
LPGVGTQVADCICLMALDKPQAVPVDVAMWHIAQRDYSWHPTTSQAKGPSPQTNKELGNFFRSLWGPYAGWAQAVLFSAD
LRQSR
;
A
#
loop_
_chem_comp.id
_chem_comp.type
_chem_comp.name
_chem_comp.formula
8OG DNA linking 8-OXO-2'-DEOXY-GUANOSINE-5'-MONOPHOSPHATE 'C10 H14 N5 O8 P'
CA non-polymer 'CALCIUM ION' 'Ca 2'
DA DNA linking 2'-DEOXYADENOSINE-5'-MONOPHOSPHATE 'C10 H14 N5 O6 P'
DC DNA linking 2'-DEOXYCYTIDINE-5'-MONOPHOSPHATE 'C9 H14 N3 O7 P'
DG DNA linking 2'-DEOXYGUANOSINE-5'-MONOPHOSPHATE 'C10 H14 N5 O7 P'
DT DNA linking THYMIDINE-5'-MONOPHOSPHATE 'C10 H15 N2 O8 P'
#
# COMPACT_ATOMS: atom_id res chain seq x y z
P 8OG B 8 -9.66 6.45 6.99
OP1 8OG B 8 -8.43 5.93 7.64
OP2 8OG B 8 -9.85 7.92 6.83
O5' 8OG B 8 -9.83 5.79 5.55
C5' 8OG B 8 -10.23 4.43 5.41
C4' 8OG B 8 -10.92 4.24 4.09
O4' 8OG B 8 -10.05 4.66 3.03
C3' 8OG B 8 -11.32 2.80 3.76
O3' 8OG B 8 -12.48 2.84 2.92
C2' 8OG B 8 -10.14 2.32 2.93
C1' 8OG B 8 -9.80 3.58 2.14
N9 8OG B 8 -8.44 3.70 1.67
C8 8OG B 8 -7.29 3.24 2.27
N7 8OG B 8 -6.20 3.50 1.62
C5 8OG B 8 -6.66 4.19 0.49
C6 8OG B 8 -5.95 4.76 -0.61
O6 8OG B 8 -4.73 4.77 -0.82
N1 8OG B 8 -6.81 5.39 -1.50
C2 8OG B 8 -8.18 5.45 -1.37
N2 8OG B 8 -8.85 6.11 -2.33
N3 8OG B 8 -8.85 4.92 -0.37
C4 8OG B 8 -8.04 4.31 0.52
O8 8OG B 8 -7.29 2.63 3.37
N SER C 7 23.60 0.46 20.68
CA SER C 7 23.63 -0.93 21.22
C SER C 7 23.33 -1.96 20.13
N GLU C 8 23.60 -3.21 20.45
CA GLU C 8 23.36 -4.29 19.50
C GLU C 8 21.93 -4.80 19.57
N PHE C 9 21.13 -4.23 20.46
CA PHE C 9 19.74 -4.66 20.59
C PHE C 9 18.77 -3.53 20.26
N GLY C 10 17.51 -3.89 20.06
CA GLY C 10 16.49 -2.91 19.75
C GLY C 10 16.56 -2.41 18.32
N HIS C 11 15.63 -1.55 17.95
CA HIS C 11 15.61 -1.01 16.61
C HIS C 11 16.78 -0.06 16.45
N ARG C 12 17.47 -0.14 15.32
CA ARG C 12 18.62 0.73 15.07
C ARG C 12 18.24 2.13 14.58
N THR C 13 19.16 3.08 14.79
CA THR C 13 18.95 4.45 14.33
C THR C 13 20.22 4.77 13.54
N LEU C 14 20.15 5.76 12.65
CA LEU C 14 21.32 6.13 11.86
C LEU C 14 22.50 6.49 12.76
N ALA C 15 22.21 7.27 13.79
CA ALA C 15 23.22 7.71 14.75
C ALA C 15 23.84 6.59 15.58
N SER C 16 23.00 5.70 16.12
CA SER C 16 23.49 4.63 16.98
C SER C 16 24.41 3.60 16.32
N THR C 17 24.05 3.08 15.16
CA THR C 17 24.89 2.08 14.50
C THR C 17 25.24 2.47 13.06
N PRO C 18 26.08 3.52 12.92
CA PRO C 18 26.56 4.08 11.65
C PRO C 18 26.97 3.09 10.56
N ALA C 19 27.85 2.15 10.92
CA ALA C 19 28.35 1.18 9.96
C ALA C 19 27.32 0.20 9.41
N LEU C 20 26.15 0.11 10.04
CA LEU C 20 25.14 -0.83 9.56
C LEU C 20 24.16 -0.29 8.53
N TRP C 21 24.29 0.99 8.18
CA TRP C 21 23.39 1.59 7.20
C TRP C 21 24.04 1.81 5.83
N ALA C 22 23.23 1.72 4.79
CA ALA C 22 23.67 1.93 3.42
C ALA C 22 22.67 2.89 2.81
N SER C 23 23.13 3.72 1.87
CA SER C 23 22.24 4.69 1.25
C SER C 23 21.83 4.42 -0.19
N ILE C 24 20.76 5.08 -0.59
CA ILE C 24 20.24 5.02 -1.94
C ILE C 24 19.95 6.48 -2.27
N PRO C 25 20.58 7.01 -3.32
CA PRO C 25 20.35 8.42 -3.69
C PRO C 25 18.86 8.64 -3.85
N CYS C 26 18.31 9.60 -3.13
CA CYS C 26 16.89 9.85 -3.21
C CYS C 26 16.53 11.17 -2.54
N PRO C 27 16.27 12.21 -3.35
CA PRO C 27 15.92 13.51 -2.79
C PRO C 27 14.53 13.44 -2.20
N ARG C 28 14.28 14.24 -1.17
CA ARG C 28 12.97 14.25 -0.54
C ARG C 28 11.86 14.61 -1.52
N SER C 29 12.22 15.20 -2.65
CA SER C 29 11.22 15.56 -3.64
C SER C 29 10.75 14.30 -4.37
N GLU C 30 11.52 13.22 -4.25
CA GLU C 30 11.17 11.95 -4.89
C GLU C 30 10.49 10.97 -3.93
N LEU C 31 10.61 11.24 -2.63
CA LEU C 31 10.02 10.37 -1.63
C LEU C 31 10.01 10.98 -0.23
N ARG C 32 8.86 10.90 0.42
CA ARG C 32 8.70 11.38 1.78
C ARG C 32 8.14 10.17 2.53
N LEU C 33 8.97 9.50 3.33
CA LEU C 33 8.52 8.32 4.05
C LEU C 33 7.30 8.62 4.92
N ASP C 34 7.33 9.74 5.63
CA ASP C 34 6.24 10.10 6.50
C ASP C 34 4.93 10.36 5.76
N LEU C 35 4.99 10.57 4.45
CA LEU C 35 3.77 10.80 3.68
C LEU C 35 3.32 9.57 2.89
N VAL C 36 4.17 8.56 2.86
CA VAL C 36 3.89 7.32 2.13
C VAL C 36 3.60 6.12 3.04
N LEU C 37 4.51 5.81 3.94
CA LEU C 37 4.36 4.65 4.80
C LEU C 37 3.15 4.53 5.73
N PRO C 38 2.69 5.66 6.30
CA PRO C 38 1.52 5.52 7.19
C PRO C 38 0.22 6.00 6.55
N SER C 39 0.21 6.15 5.23
CA SER C 39 -0.96 6.71 4.55
C SER C 39 -2.03 5.79 3.97
N GLY C 40 -2.05 4.54 4.41
CA GLY C 40 -3.07 3.63 3.88
C GLY C 40 -2.75 2.90 2.60
N GLN C 41 -1.47 2.74 2.27
CA GLN C 41 -1.05 1.99 1.09
C GLN C 41 -0.66 0.64 1.67
N SER C 42 0.35 0.66 2.54
CA SER C 42 0.80 -0.53 3.24
C SER C 42 0.47 -0.25 4.70
N PHE C 43 0.11 -1.29 5.44
CA PHE C 43 -0.23 -1.12 6.84
C PHE C 43 0.80 -1.76 7.74
N ARG C 44 1.97 -2.05 7.19
CA ARG C 44 3.00 -2.74 7.93
C ARG C 44 4.24 -1.98 8.37
N TRP C 45 4.17 -0.66 8.35
CA TRP C 45 5.32 0.14 8.77
C TRP C 45 5.01 0.98 10.00
N ARG C 46 5.98 1.04 10.90
CA ARG C 46 5.82 1.84 12.11
C ARG C 46 7.09 2.62 12.41
N GLU C 47 6.89 3.85 12.84
CA GLU C 47 7.97 4.77 13.18
C GLU C 47 8.36 4.43 14.62
N GLN C 48 9.11 3.35 14.80
CA GLN C 48 9.50 2.92 16.14
C GLN C 48 10.34 3.96 16.85
N SER C 49 11.08 4.74 16.07
CA SER C 49 11.93 5.81 16.57
C SER C 49 11.63 7.01 15.68
N PRO C 50 11.63 8.22 16.23
CA PRO C 50 11.35 9.39 15.39
C PRO C 50 12.12 9.40 14.07
N ALA C 51 11.38 9.55 12.97
CA ALA C 51 11.94 9.59 11.61
C ALA C 51 12.52 8.26 11.13
N HIS C 52 12.37 7.20 11.93
CA HIS C 52 12.86 5.88 11.55
C HIS C 52 11.69 4.92 11.43
N TRP C 53 11.53 4.33 10.25
CA TRP C 53 10.43 3.42 10.00
C TRP C 53 10.86 1.97 9.83
N SER C 54 10.25 1.08 10.60
CA SER C 54 10.59 -0.33 10.53
C SER C 54 9.40 -1.18 10.06
N GLY C 55 9.71 -2.17 9.25
CA GLY C 55 8.69 -3.06 8.73
C GLY C 55 9.32 -4.17 7.91
N VAL C 56 8.50 -5.08 7.39
CA VAL C 56 9.01 -6.19 6.58
C VAL C 56 8.99 -5.83 5.11
N LEU C 57 10.14 -5.98 4.46
CA LEU C 57 10.28 -5.68 3.04
C LEU C 57 11.05 -6.82 2.40
N ALA C 58 10.41 -7.48 1.44
CA ALA C 58 11.01 -8.60 0.75
C ALA C 58 11.49 -9.67 1.73
N ASP C 59 10.58 -10.10 2.60
CA ASP C 59 10.83 -11.17 3.58
C ASP C 59 11.84 -10.94 4.70
N GLN C 60 12.27 -9.68 4.86
CA GLN C 60 13.21 -9.35 5.92
C GLN C 60 12.77 -8.05 6.60
N VAL C 61 13.22 -7.84 7.83
CA VAL C 61 12.86 -6.63 8.54
C VAL C 61 13.88 -5.55 8.17
N TRP C 62 13.40 -4.33 7.97
CA TRP C 62 14.24 -3.19 7.63
C TRP C 62 13.82 -1.97 8.42
N THR C 63 14.76 -1.04 8.59
CA THR C 63 14.44 0.22 9.23
C THR C 63 14.90 1.21 8.17
N LEU C 64 14.10 2.25 7.96
CA LEU C 64 14.40 3.24 6.94
C LEU C 64 14.30 4.62 7.52
N THR C 65 15.17 5.51 7.04
CA THR C 65 15.16 6.88 7.49
C THR C 65 15.82 7.73 6.40
N GLN C 66 15.45 8.99 6.31
CA GLN C 66 16.07 9.77 5.27
C GLN C 66 16.62 11.12 5.68
N THR C 67 17.60 11.58 4.92
CA THR C 67 18.20 12.88 5.12
C THR C 67 17.93 13.51 3.76
N GLU C 68 18.39 14.73 3.53
CA GLU C 68 18.14 15.33 2.23
C GLU C 68 18.98 14.58 1.21
N GLU C 69 18.40 14.27 0.07
CA GLU C 69 19.14 13.56 -0.96
C GLU C 69 19.46 12.10 -0.66
N GLN C 70 19.27 11.66 0.58
CA GLN C 70 19.59 10.27 0.93
C GLN C 70 18.54 9.45 1.69
N LEU C 71 18.31 8.24 1.21
CA LEU C 71 17.39 7.32 1.85
C LEU C 71 18.29 6.23 2.46
N HIS C 72 18.44 6.27 3.78
CA HIS C 72 19.29 5.33 4.50
C HIS C 72 18.56 4.03 4.84
N CYS C 73 19.20 2.89 4.60
CA CYS C 73 18.59 1.60 4.83
C CYS C 73 19.46 0.67 5.68
N THR C 74 18.82 -0.13 6.52
CA THR C 74 19.52 -1.10 7.37
C THR C 74 18.62 -2.33 7.42
N VAL C 75 19.24 -3.51 7.39
CA VAL C 75 18.47 -4.75 7.41
C VAL C 75 18.86 -5.71 8.54
N TYR C 76 17.87 -6.42 9.07
CA TYR C 76 18.08 -7.38 10.16
C TYR C 76 17.79 -8.76 9.58
N ARG C 77 18.83 -9.54 9.35
CA ARG C 77 18.65 -10.88 8.77
C ARG C 77 18.51 -11.99 9.81
N SER C 81 25.12 -14.34 9.57
CA SER C 81 24.27 -14.02 10.71
C SER C 81 24.84 -12.83 11.47
N GLN C 82 26.05 -12.43 11.11
CA GLN C 82 26.69 -11.28 11.74
C GLN C 82 26.07 -10.01 11.16
N ALA C 83 25.80 -9.03 12.01
CA ALA C 83 25.19 -7.79 11.57
C ALA C 83 26.10 -7.03 10.61
N SER C 84 25.56 -6.60 9.47
CA SER C 84 26.32 -5.85 8.48
C SER C 84 25.39 -4.99 7.62
N ARG C 85 25.95 -3.96 6.99
CA ARG C 85 25.19 -3.06 6.14
C ARG C 85 24.51 -3.84 5.02
N PRO C 86 23.40 -3.32 4.47
CA PRO C 86 22.69 -4.01 3.38
C PRO C 86 23.59 -4.10 2.15
N THR C 87 23.40 -5.13 1.34
CA THR C 87 24.19 -5.30 0.13
C THR C 87 23.47 -4.64 -1.05
N PRO C 88 24.18 -4.43 -2.17
CA PRO C 88 23.58 -3.82 -3.36
C PRO C 88 22.33 -4.56 -3.85
N ASP C 89 22.35 -5.88 -3.77
CA ASP C 89 21.19 -6.67 -4.19
C ASP C 89 20.00 -6.36 -3.28
N GLU C 90 20.23 -6.47 -1.97
CA GLU C 90 19.19 -6.20 -0.98
C GLU C 90 18.68 -4.77 -1.17
N LEU C 91 19.61 -3.85 -1.39
CA LEU C 91 19.28 -2.45 -1.60
C LEU C 91 18.39 -2.31 -2.83
N GLU C 92 18.67 -3.13 -3.84
CA GLU C 92 17.91 -3.11 -5.07
C GLU C 92 16.46 -3.48 -4.76
N ALA C 93 16.26 -4.33 -3.77
CA ALA C 93 14.91 -4.73 -3.37
C ALA C 93 14.14 -3.51 -2.87
N VAL C 94 14.83 -2.67 -2.10
CA VAL C 94 14.23 -1.46 -1.58
C VAL C 94 13.85 -0.54 -2.73
N ARG C 95 14.78 -0.33 -3.67
CA ARG C 95 14.52 0.50 -4.84
C ARG C 95 13.27 0.04 -5.57
N LYS C 96 13.13 -1.26 -5.76
CA LYS C 96 11.97 -1.79 -6.44
C LYS C 96 10.68 -1.55 -5.66
N TYR C 97 10.73 -1.76 -4.34
CA TYR C 97 9.54 -1.57 -3.50
C TYR C 97 9.01 -0.14 -3.61
N PHE C 98 9.92 0.84 -3.67
CA PHE C 98 9.53 2.24 -3.80
C PHE C 98 9.47 2.71 -5.26
N GLN C 99 9.57 1.76 -6.18
CA GLN C 99 9.52 2.02 -7.62
C GLN C 99 10.28 3.29 -7.99
N LEU C 100 11.50 3.39 -7.50
CA LEU C 100 12.34 4.57 -7.72
C LEU C 100 12.72 4.89 -9.17
N ASP C 101 12.41 3.99 -10.09
CA ASP C 101 12.71 4.26 -11.49
C ASP C 101 11.68 5.25 -12.01
N VAL C 102 10.50 5.25 -11.41
CA VAL C 102 9.44 6.18 -11.79
C VAL C 102 9.82 7.52 -11.18
N THR C 103 10.07 8.51 -12.05
CA THR C 103 10.47 9.84 -11.60
C THR C 103 9.28 10.68 -11.14
N LEU C 104 9.16 10.84 -9.83
CA LEU C 104 8.05 11.59 -9.28
C LEU C 104 8.00 13.07 -9.72
N ALA C 105 9.17 13.69 -9.88
CA ALA C 105 9.23 15.09 -10.29
C ALA C 105 8.60 15.29 -11.69
N GLN C 106 8.77 14.29 -12.56
CA GLN C 106 8.22 14.35 -13.91
C GLN C 106 6.70 14.22 -13.86
N LEU C 107 6.22 13.33 -12.99
CA LEU C 107 4.78 13.13 -12.87
C LEU C 107 4.09 14.35 -12.24
N TYR C 108 4.67 14.89 -11.17
CA TYR C 108 4.10 16.06 -10.51
C TYR C 108 4.00 17.20 -11.50
N HIS C 109 5.06 17.41 -12.26
CA HIS C 109 5.08 18.47 -13.27
C HIS C 109 3.88 18.30 -14.20
N HIS C 110 3.76 17.13 -14.81
CA HIS C 110 2.66 16.87 -15.72
C HIS C 110 1.29 17.06 -15.06
N TRP C 111 1.07 16.45 -13.90
CA TRP C 111 -0.23 16.59 -13.24
C TRP C 111 -0.50 18.04 -12.93
N GLY C 112 0.52 18.75 -12.47
CA GLY C 112 0.37 20.15 -12.13
C GLY C 112 0.10 21.04 -13.32
N SER C 113 0.51 20.61 -14.51
CA SER C 113 0.29 21.44 -15.69
C SER C 113 -1.12 21.30 -16.24
N VAL C 114 -1.75 20.16 -16.00
CA VAL C 114 -3.11 19.93 -16.49
C VAL C 114 -4.16 20.12 -15.42
N ASP C 115 -3.72 20.30 -14.17
CA ASP C 115 -4.66 20.45 -13.07
C ASP C 115 -4.15 21.48 -12.06
N SER C 116 -4.65 22.71 -12.20
CA SER C 116 -4.25 23.82 -11.33
C SER C 116 -4.41 23.53 -9.84
N HIS C 117 -5.45 22.78 -9.46
CA HIS C 117 -5.62 22.47 -8.05
C HIS C 117 -4.51 21.51 -7.62
N PHE C 118 -4.23 20.51 -8.45
CA PHE C 118 -3.18 19.56 -8.10
C PHE C 118 -1.90 20.34 -7.88
N GLN C 119 -1.61 21.27 -8.76
CA GLN C 119 -0.40 22.07 -8.65
C GLN C 119 -0.29 22.73 -7.27
N GLU C 120 -1.40 23.26 -6.78
CA GLU C 120 -1.40 23.90 -5.47
C GLU C 120 -1.06 22.91 -4.35
N VAL C 121 -1.78 21.80 -4.31
CA VAL C 121 -1.56 20.78 -3.29
C VAL C 121 -0.16 20.19 -3.36
N ALA C 122 0.27 19.86 -4.57
CA ALA C 122 1.59 19.27 -4.79
C ALA C 122 2.71 20.08 -4.16
N GLN C 123 2.55 21.41 -4.15
CA GLN C 123 3.54 22.31 -3.58
C GLN C 123 3.89 21.94 -2.14
N LYS C 124 2.86 21.66 -1.34
CA LYS C 124 3.05 21.33 0.06
C LYS C 124 3.23 19.84 0.37
N PHE C 125 2.98 18.96 -0.59
CA PHE C 125 3.13 17.54 -0.34
C PHE C 125 3.93 16.81 -1.41
N GLN C 126 5.23 17.06 -1.44
CA GLN C 126 6.12 16.40 -2.40
C GLN C 126 6.47 15.02 -1.89
N GLY C 127 6.97 14.17 -2.78
CA GLY C 127 7.39 12.84 -2.38
C GLY C 127 6.36 11.75 -2.11
N VAL C 128 5.11 11.95 -2.53
CA VAL C 128 4.11 10.91 -2.34
C VAL C 128 4.13 10.04 -3.60
N ARG C 129 4.55 8.79 -3.44
CA ARG C 129 4.64 7.87 -4.55
C ARG C 129 3.96 6.57 -4.16
N LEU C 130 3.84 5.65 -5.11
CA LEU C 130 3.23 4.35 -4.88
C LEU C 130 4.22 3.24 -4.58
N LEU C 131 3.92 2.50 -3.53
CA LEU C 131 4.73 1.35 -3.15
C LEU C 131 4.33 0.23 -4.14
N ARG C 132 5.27 -0.63 -4.50
CA ARG C 132 4.92 -1.76 -5.36
C ARG C 132 4.80 -2.91 -4.37
N GLN C 133 3.58 -3.30 -4.03
CA GLN C 133 3.38 -4.34 -3.03
C GLN C 133 3.12 -5.75 -3.54
N ASP C 134 3.33 -6.71 -2.65
CA ASP C 134 3.09 -8.12 -2.93
C ASP C 134 1.58 -8.31 -3.05
N PRO C 135 1.12 -8.97 -4.13
CA PRO C 135 -0.32 -9.20 -4.34
C PRO C 135 -1.09 -9.80 -3.17
N ILE C 136 -0.58 -10.88 -2.59
CA ILE C 136 -1.28 -11.52 -1.48
C ILE C 136 -1.48 -10.57 -0.30
N GLU C 137 -0.39 -9.97 0.16
CA GLU C 137 -0.49 -9.05 1.28
C GLU C 137 -1.43 -7.90 0.95
N CYS C 138 -1.36 -7.40 -0.28
CA CYS C 138 -2.20 -6.29 -0.68
C CYS C 138 -3.68 -6.69 -0.69
N LEU C 139 -3.96 -7.82 -1.33
CA LEU C 139 -5.33 -8.31 -1.40
C LEU C 139 -5.99 -8.49 -0.04
N PHE C 140 -5.33 -9.21 0.87
CA PHE C 140 -5.94 -9.44 2.15
C PHE C 140 -5.95 -8.22 3.07
N SER C 141 -4.95 -7.36 2.93
CA SER C 141 -4.93 -6.16 3.76
C SER C 141 -6.12 -5.30 3.37
N PHE C 142 -6.37 -5.13 2.08
CA PHE C 142 -7.48 -4.29 1.69
C PHE C 142 -8.85 -4.91 1.85
N ILE C 143 -8.92 -6.23 2.00
CA ILE C 143 -10.20 -6.87 2.25
C ILE C 143 -10.60 -6.40 3.65
N CYS C 144 -9.59 -6.15 4.48
CA CYS C 144 -9.81 -5.68 5.85
C CYS C 144 -10.08 -4.18 5.91
N SER C 145 -9.83 -3.46 4.82
CA SER C 145 -10.05 -2.01 4.79
C SER C 145 -11.53 -1.64 4.76
N SER C 146 -12.38 -2.60 4.42
CA SER C 146 -13.82 -2.40 4.36
C SER C 146 -14.34 -1.67 5.60
N CYS C 147 -15.06 -0.56 5.39
CA CYS C 147 -15.62 0.24 6.49
C CYS C 147 -14.67 0.24 7.69
N ASN C 148 -13.45 0.70 7.46
CA ASN C 148 -12.43 0.71 8.50
C ASN C 148 -11.51 1.93 8.38
N ASN C 149 -10.81 2.26 9.46
CA ASN C 149 -9.89 3.40 9.44
C ASN C 149 -8.47 2.83 9.49
N ILE C 150 -7.53 3.61 8.97
CA ILE C 150 -6.14 3.18 8.90
C ILE C 150 -5.59 2.59 10.20
N ALA C 151 -5.81 3.26 11.32
CA ALA C 151 -5.30 2.72 12.59
C ALA C 151 -5.89 1.34 12.91
N ARG C 152 -7.21 1.19 12.77
CA ARG C 152 -7.85 -0.09 13.07
C ARG C 152 -7.38 -1.17 12.08
N ILE C 153 -7.32 -0.81 10.81
CA ILE C 153 -6.86 -1.74 9.78
C ILE C 153 -5.48 -2.25 10.17
N THR C 154 -4.61 -1.33 10.57
CA THR C 154 -3.26 -1.68 10.94
C THR C 154 -3.26 -2.70 12.08
N GLY C 155 -4.18 -2.54 13.02
CA GLY C 155 -4.27 -3.47 14.13
C GLY C 155 -4.67 -4.86 13.66
N MET C 156 -5.72 -4.93 12.83
CA MET C 156 -6.19 -6.20 12.30
C MET C 156 -5.08 -6.94 11.54
N VAL C 157 -4.38 -6.21 10.67
CA VAL C 157 -3.31 -6.80 9.88
C VAL C 157 -2.15 -7.32 10.73
N GLU C 158 -1.72 -6.55 11.73
CA GLU C 158 -0.63 -7.00 12.58
C GLU C 158 -1.02 -8.27 13.35
N ARG C 159 -2.25 -8.30 13.84
CA ARG C 159 -2.74 -9.45 14.61
C ARG C 159 -2.86 -10.67 13.70
N LEU C 160 -3.25 -10.43 12.45
CA LEU C 160 -3.38 -11.48 11.46
C LEU C 160 -2.03 -12.10 11.13
N CYS C 161 -1.01 -11.27 10.91
CA CYS C 161 0.32 -11.78 10.58
C CYS C 161 0.95 -12.48 11.79
N GLN C 162 0.67 -11.95 12.96
CA GLN C 162 1.18 -12.50 14.20
C GLN C 162 0.69 -13.95 14.36
N ALA C 163 -0.62 -14.13 14.16
CA ALA C 163 -1.27 -15.43 14.28
C ALA C 163 -1.01 -16.44 13.16
N PHE C 164 -0.92 -15.97 11.91
CA PHE C 164 -0.71 -16.92 10.82
C PHE C 164 0.53 -16.75 9.97
N GLY C 165 1.36 -15.77 10.27
CA GLY C 165 2.56 -15.57 9.47
C GLY C 165 3.82 -16.08 10.13
N PRO C 166 4.85 -16.37 9.34
CA PRO C 166 6.13 -16.87 9.86
C PRO C 166 6.82 -15.83 10.72
N ARG C 167 7.39 -16.28 11.83
CA ARG C 167 8.12 -15.41 12.74
C ARG C 167 9.46 -15.08 12.09
N LEU C 168 9.82 -13.80 12.04
CA LEU C 168 11.08 -13.38 11.45
C LEU C 168 12.12 -13.12 12.53
N ILE C 169 12.05 -11.95 13.16
CA ILE C 169 12.99 -11.63 14.23
C ILE C 169 12.29 -10.72 15.21
N GLN C 170 12.90 -10.54 16.38
CA GLN C 170 12.34 -9.69 17.41
C GLN C 170 13.30 -8.54 17.70
N LEU C 171 12.77 -7.33 17.82
CA LEU C 171 13.56 -6.14 18.13
C LEU C 171 12.83 -5.51 19.29
N ASP C 172 13.55 -5.31 20.41
CA ASP C 172 12.90 -4.80 21.62
C ASP C 172 11.78 -5.80 21.88
N ASP C 173 10.57 -5.33 22.18
CA ASP C 173 9.47 -6.25 22.43
C ASP C 173 8.58 -6.46 21.20
N VAL C 174 9.13 -6.20 20.02
CA VAL C 174 8.35 -6.36 18.80
C VAL C 174 8.81 -7.56 18.00
N THR C 175 7.89 -8.47 17.71
CA THR C 175 8.23 -9.64 16.90
C THR C 175 7.62 -9.45 15.52
N TYR C 176 8.47 -9.44 14.50
CA TYR C 176 8.00 -9.26 13.14
C TYR C 176 7.63 -10.59 12.52
N HIS C 177 6.56 -10.60 11.74
CA HIS C 177 6.08 -11.79 11.05
C HIS C 177 5.94 -11.48 9.57
N GLY C 178 6.18 -12.49 8.73
CA GLY C 178 6.00 -12.29 7.31
C GLY C 178 4.50 -12.34 7.11
N PHE C 179 4.00 -11.95 5.95
CA PHE C 179 2.56 -12.02 5.71
C PHE C 179 2.21 -13.50 5.52
N PRO C 180 1.06 -13.94 6.04
CA PRO C 180 0.67 -15.35 5.90
C PRO C 180 0.53 -15.81 4.45
N SER C 181 0.70 -17.11 4.23
CA SER C 181 0.56 -17.67 2.90
C SER C 181 -0.92 -17.94 2.64
N LEU C 182 -1.22 -18.28 1.39
CA LEU C 182 -2.56 -18.59 0.96
C LEU C 182 -3.02 -19.86 1.70
N GLN C 183 -2.13 -20.85 1.77
CA GLN C 183 -2.46 -22.10 2.46
C GLN C 183 -2.86 -21.83 3.90
N ALA C 184 -2.09 -20.99 4.58
CA ALA C 184 -2.38 -20.69 5.97
C ALA C 184 -3.73 -19.98 6.13
N LEU C 185 -3.97 -18.98 5.27
CA LEU C 185 -5.21 -18.23 5.35
C LEU C 185 -6.41 -19.10 4.97
N ALA C 186 -6.16 -20.14 4.19
CA ALA C 186 -7.23 -21.04 3.75
C ALA C 186 -7.46 -22.18 4.74
N GLY C 187 -6.65 -22.22 5.79
CA GLY C 187 -6.76 -23.28 6.78
C GLY C 187 -8.06 -23.38 7.54
N PRO C 188 -8.25 -24.49 8.27
CA PRO C 188 -9.46 -24.71 9.07
C PRO C 188 -9.58 -23.79 10.27
N GLU C 189 -10.80 -23.36 10.54
CA GLU C 189 -11.06 -22.50 11.68
C GLU C 189 -10.35 -21.14 11.67
N VAL C 190 -9.81 -20.74 10.52
CA VAL C 190 -9.14 -19.44 10.43
C VAL C 190 -10.14 -18.31 10.71
N GLU C 191 -11.32 -18.39 10.08
CA GLU C 191 -12.33 -17.36 10.28
C GLU C 191 -12.61 -17.14 11.76
N ALA C 192 -12.86 -18.24 12.47
CA ALA C 192 -13.15 -18.16 13.88
C ALA C 192 -12.00 -17.51 14.67
N HIS C 193 -10.77 -17.88 14.34
CA HIS C 193 -9.64 -17.32 15.04
C HIS C 193 -9.51 -15.83 14.72
N LEU C 194 -9.72 -15.46 13.46
CA LEU C 194 -9.65 -14.05 13.06
C LEU C 194 -10.74 -13.23 13.76
N ARG C 195 -11.91 -13.84 13.96
CA ARG C 195 -12.98 -13.13 14.63
C ARG C 195 -12.56 -12.81 16.07
N LYS C 196 -11.77 -13.70 16.67
CA LYS C 196 -11.30 -13.45 18.03
C LYS C 196 -10.22 -12.35 18.02
N LEU C 197 -9.61 -12.13 16.86
CA LEU C 197 -8.60 -11.09 16.75
C LEU C 197 -9.24 -9.75 16.39
N GLY C 198 -10.57 -9.74 16.37
CA GLY C 198 -11.30 -8.53 16.10
C GLY C 198 -11.54 -8.09 14.66
N LEU C 199 -11.43 -9.00 13.70
CA LEU C 199 -11.66 -8.62 12.30
C LEU C 199 -13.14 -8.53 11.94
N GLY C 200 -14.01 -8.96 12.84
CA GLY C 200 -15.43 -8.92 12.56
C GLY C 200 -15.75 -9.69 11.29
N TYR C 201 -16.77 -9.22 10.56
CA TYR C 201 -17.20 -9.89 9.32
C TYR C 201 -16.10 -10.05 8.28
N ARG C 202 -15.03 -9.28 8.40
CA ARG C 202 -13.93 -9.37 7.45
C ARG C 202 -13.24 -10.74 7.54
N ALA C 203 -13.33 -11.36 8.71
CA ALA C 203 -12.73 -12.68 8.92
C ALA C 203 -13.26 -13.68 7.89
N ARG C 204 -14.55 -13.60 7.61
CA ARG C 204 -15.16 -14.50 6.64
C ARG C 204 -14.56 -14.33 5.26
N TYR C 205 -14.39 -13.08 4.82
CA TYR C 205 -13.84 -12.81 3.50
C TYR C 205 -12.38 -13.26 3.34
N VAL C 206 -11.59 -13.15 4.41
CA VAL C 206 -10.20 -13.57 4.33
C VAL C 206 -10.15 -15.06 4.07
N SER C 207 -10.87 -15.81 4.91
CA SER C 207 -10.94 -17.26 4.78
C SER C 207 -11.53 -17.63 3.42
N ALA C 208 -12.71 -17.09 3.11
CA ALA C 208 -13.39 -17.35 1.84
C ALA C 208 -12.53 -17.02 0.62
N SER C 209 -11.91 -15.84 0.61
CA SER C 209 -11.08 -15.49 -0.54
C SER C 209 -9.83 -16.36 -0.64
N ALA C 210 -9.30 -16.78 0.49
CA ALA C 210 -8.11 -17.62 0.45
C ALA C 210 -8.49 -18.95 -0.21
N ARG C 211 -9.57 -19.55 0.27
CA ARG C 211 -10.02 -20.82 -0.29
C ARG C 211 -10.45 -20.65 -1.74
N ALA C 212 -11.11 -19.54 -2.04
CA ALA C 212 -11.56 -19.30 -3.41
C ALA C 212 -10.39 -19.34 -4.38
N ILE C 213 -9.32 -18.65 -4.04
CA ILE C 213 -8.13 -18.59 -4.91
C ILE C 213 -7.46 -19.93 -5.09
N LEU C 214 -7.27 -20.64 -3.99
CA LEU C 214 -6.59 -21.93 -4.02
C LEU C 214 -7.42 -23.06 -4.63
N GLU C 215 -8.69 -23.13 -4.25
CA GLU C 215 -9.56 -24.21 -4.72
C GLU C 215 -10.48 -23.92 -5.90
N GLU C 216 -10.36 -22.74 -6.51
CA GLU C 216 -11.23 -22.40 -7.64
C GLU C 216 -10.54 -21.65 -8.76
N GLN C 217 -9.66 -20.73 -8.40
CA GLN C 217 -8.99 -19.91 -9.41
C GLN C 217 -7.65 -20.42 -9.90
N GLY C 218 -7.14 -21.49 -9.32
CA GLY C 218 -5.86 -22.00 -9.77
C GLY C 218 -4.67 -21.68 -8.88
N GLY C 219 -4.93 -21.02 -7.76
CA GLY C 219 -3.86 -20.72 -6.83
C GLY C 219 -3.11 -19.42 -7.06
N LEU C 220 -2.06 -19.23 -6.27
CA LEU C 220 -1.21 -18.05 -6.33
C LEU C 220 -0.90 -17.57 -7.74
N ALA C 221 -0.55 -18.50 -8.62
CA ALA C 221 -0.21 -18.18 -10.00
C ALA C 221 -1.28 -17.30 -10.64
N TRP C 222 -2.54 -17.66 -10.41
CA TRP C 222 -3.66 -16.91 -10.96
C TRP C 222 -3.61 -15.43 -10.55
N LEU C 223 -3.20 -15.16 -9.32
CA LEU C 223 -3.13 -13.79 -8.82
C LEU C 223 -1.95 -13.04 -9.41
N GLN C 224 -0.76 -13.63 -9.31
CA GLN C 224 0.46 -12.99 -9.77
C GLN C 224 0.49 -12.66 -11.26
N GLN C 225 -0.08 -13.53 -12.09
CA GLN C 225 -0.08 -13.30 -13.53
C GLN C 225 -0.97 -12.13 -13.93
N LEU C 226 -1.75 -11.63 -12.98
CA LEU C 226 -2.63 -10.50 -13.24
C LEU C 226 -1.77 -9.25 -13.49
N ARG C 227 -0.50 -9.33 -13.09
CA ARG C 227 0.40 -8.22 -13.29
C ARG C 227 0.68 -8.02 -14.78
N GLU C 228 0.57 -9.09 -15.55
CA GLU C 228 0.82 -9.03 -17.00
C GLU C 228 -0.48 -8.75 -17.76
N SER C 229 -1.60 -8.91 -17.06
CA SER C 229 -2.92 -8.65 -17.66
C SER C 229 -3.21 -7.15 -17.71
N SER C 230 -4.26 -6.78 -18.43
CA SER C 230 -4.65 -5.38 -18.55
C SER C 230 -5.47 -4.98 -17.32
N TYR C 231 -5.51 -3.69 -17.04
CA TYR C 231 -6.26 -3.18 -15.90
C TYR C 231 -7.69 -3.72 -15.90
N GLU C 232 -8.35 -3.61 -17.05
CA GLU C 232 -9.72 -4.09 -17.22
C GLU C 232 -9.81 -5.54 -16.79
N GLU C 233 -8.89 -6.34 -17.32
CA GLU C 233 -8.83 -7.77 -17.03
C GLU C 233 -8.62 -7.99 -15.54
N ALA C 234 -7.52 -7.45 -15.03
CA ALA C 234 -7.17 -7.59 -13.62
C ALA C 234 -8.28 -7.18 -12.68
N HIS C 235 -8.82 -5.99 -12.87
CA HIS C 235 -9.90 -5.50 -12.00
C HIS C 235 -11.12 -6.41 -12.01
N LYS C 236 -11.45 -6.97 -13.17
CA LYS C 236 -12.60 -7.87 -13.29
C LYS C 236 -12.32 -9.17 -12.54
N ALA C 237 -11.15 -9.76 -12.79
CA ALA C 237 -10.77 -11.01 -12.12
C ALA C 237 -10.83 -10.85 -10.59
N LEU C 238 -10.22 -9.78 -10.07
CA LEU C 238 -10.22 -9.52 -8.63
C LEU C 238 -11.59 -9.42 -8.00
N CYS C 239 -12.53 -8.80 -8.71
CA CYS C 239 -13.88 -8.66 -8.18
C CYS C 239 -14.61 -10.00 -8.06
N ILE C 240 -14.00 -11.06 -8.58
CA ILE C 240 -14.60 -12.40 -8.48
C ILE C 240 -14.54 -12.85 -7.02
N LEU C 241 -13.39 -12.61 -6.39
CA LEU C 241 -13.15 -12.99 -5.01
C LEU C 241 -14.11 -12.37 -3.99
N PRO C 242 -14.52 -13.16 -2.99
CA PRO C 242 -15.43 -12.73 -1.92
C PRO C 242 -14.85 -11.60 -1.08
N GLY C 243 -15.60 -10.53 -0.91
CA GLY C 243 -15.14 -9.40 -0.12
C GLY C 243 -14.39 -8.36 -0.95
N VAL C 244 -14.20 -8.65 -2.23
CA VAL C 244 -13.51 -7.74 -3.10
C VAL C 244 -14.47 -7.01 -4.04
N GLY C 245 -14.69 -5.72 -3.76
CA GLY C 245 -15.55 -4.91 -4.59
C GLY C 245 -14.73 -4.03 -5.51
N THR C 246 -15.35 -3.02 -6.11
CA THR C 246 -14.64 -2.13 -7.02
C THR C 246 -13.53 -1.31 -6.35
N GLN C 247 -13.79 -0.79 -5.15
CA GLN C 247 -12.77 -0.01 -4.45
C GLN C 247 -11.56 -0.85 -4.06
N VAL C 248 -11.80 -2.00 -3.43
CA VAL C 248 -10.70 -2.88 -3.02
C VAL C 248 -9.92 -3.37 -4.23
N ALA C 249 -10.63 -3.71 -5.28
CA ALA C 249 -9.99 -4.19 -6.50
C ALA C 249 -9.09 -3.13 -7.09
N ASP C 250 -9.55 -1.88 -7.05
CA ASP C 250 -8.74 -0.79 -7.60
C ASP C 250 -7.49 -0.55 -6.76
N CYS C 251 -7.61 -0.66 -5.45
CA CYS C 251 -6.46 -0.48 -4.57
C CYS C 251 -5.40 -1.51 -4.93
N ILE C 252 -5.84 -2.76 -5.11
CA ILE C 252 -4.94 -3.84 -5.46
C ILE C 252 -4.28 -3.63 -6.83
N CYS C 253 -5.07 -3.26 -7.83
CA CYS C 253 -4.52 -3.03 -9.17
C CYS C 253 -3.43 -1.97 -9.13
N LEU C 254 -3.78 -0.85 -8.50
CA LEU C 254 -2.86 0.28 -8.37
C LEU C 254 -1.62 -0.01 -7.56
N MET C 255 -1.82 -0.63 -6.40
CA MET C 255 -0.72 -0.85 -5.50
C MET C 255 0.06 -2.15 -5.61
N ALA C 256 -0.52 -3.16 -6.25
CA ALA C 256 0.20 -4.44 -6.36
C ALA C 256 0.29 -5.03 -7.76
N LEU C 257 -0.69 -4.72 -8.62
CA LEU C 257 -0.70 -5.28 -9.97
C LEU C 257 -0.19 -4.36 -11.09
N ASP C 258 0.56 -3.34 -10.72
CA ASP C 258 1.13 -2.40 -11.68
C ASP C 258 0.14 -1.72 -12.64
N LYS C 259 -1.03 -1.33 -12.12
CA LYS C 259 -2.01 -0.63 -12.93
C LYS C 259 -2.01 0.84 -12.46
N PRO C 260 -1.04 1.64 -12.93
CA PRO C 260 -0.98 3.04 -12.51
C PRO C 260 -2.19 3.92 -12.85
N GLN C 261 -3.10 3.41 -13.67
CA GLN C 261 -4.29 4.17 -14.05
C GLN C 261 -5.47 3.84 -13.17
N ALA C 262 -5.33 2.82 -12.32
CA ALA C 262 -6.41 2.42 -11.43
C ALA C 262 -6.58 3.50 -10.38
N VAL C 263 -7.82 3.95 -10.19
CA VAL C 263 -8.11 5.01 -9.24
C VAL C 263 -9.10 4.59 -8.16
N PRO C 264 -8.61 4.37 -6.94
CA PRO C 264 -9.50 3.98 -5.84
C PRO C 264 -10.46 5.13 -5.53
N VAL C 265 -11.75 4.86 -5.57
CA VAL C 265 -12.75 5.89 -5.27
C VAL C 265 -13.43 5.58 -3.96
N ASP C 266 -13.03 6.28 -2.91
CA ASP C 266 -13.62 6.09 -1.60
C ASP C 266 -14.34 7.36 -1.20
N VAL C 267 -14.80 7.43 0.04
CA VAL C 267 -15.50 8.62 0.51
C VAL C 267 -14.61 9.84 0.41
N ALA C 268 -13.35 9.70 0.81
CA ALA C 268 -12.41 10.82 0.77
C ALA C 268 -12.26 11.41 -0.64
N MET C 269 -12.13 10.55 -1.64
CA MET C 269 -11.98 11.04 -3.00
C MET C 269 -13.27 11.70 -3.49
N TRP C 270 -14.40 11.25 -2.97
CA TRP C 270 -15.69 11.84 -3.34
C TRP C 270 -15.77 13.27 -2.83
N HIS C 271 -15.35 13.47 -1.59
CA HIS C 271 -15.35 14.79 -0.96
C HIS C 271 -14.40 15.72 -1.70
N ILE C 272 -13.25 15.18 -2.10
CA ILE C 272 -12.24 15.94 -2.83
C ILE C 272 -12.79 16.38 -4.19
N ALA C 273 -13.48 15.47 -4.87
CA ALA C 273 -14.04 15.76 -6.17
C ALA C 273 -15.06 16.90 -6.08
N GLN C 274 -15.91 16.85 -5.05
CA GLN C 274 -16.92 17.88 -4.90
C GLN C 274 -16.35 19.21 -4.41
N ARG C 275 -15.53 19.13 -3.37
CA ARG C 275 -14.95 20.33 -2.78
C ARG C 275 -13.92 21.04 -3.65
N ASP C 276 -13.01 20.28 -4.24
CA ASP C 276 -11.96 20.90 -5.03
C ASP C 276 -12.17 20.96 -6.55
N TYR C 277 -13.19 20.29 -7.05
CA TYR C 277 -13.46 20.31 -8.48
C TYR C 277 -14.91 20.62 -8.81
N SER C 278 -15.75 20.74 -7.78
CA SER C 278 -17.18 21.00 -7.97
C SER C 278 -17.76 19.93 -8.89
N TRP C 279 -17.30 18.70 -8.72
CA TRP C 279 -17.74 17.58 -9.53
C TRP C 279 -19.09 17.01 -9.13
N HIS C 280 -19.82 16.52 -10.14
CA HIS C 280 -21.14 15.91 -9.98
C HIS C 280 -21.26 14.82 -11.03
N PRO C 281 -22.05 13.77 -10.73
CA PRO C 281 -22.22 12.68 -11.70
C PRO C 281 -22.93 13.29 -12.91
N THR C 282 -22.58 12.85 -14.13
CA THR C 282 -23.20 13.41 -15.33
C THR C 282 -23.98 12.39 -16.13
N THR C 283 -23.85 11.11 -15.77
CA THR C 283 -24.55 10.06 -16.49
C THR C 283 -25.16 9.08 -15.51
N SER C 284 -24.70 9.12 -14.27
CA SER C 284 -25.21 8.22 -13.25
C SER C 284 -26.52 8.76 -12.70
N GLN C 285 -27.34 7.89 -12.13
CA GLN C 285 -28.64 8.27 -11.58
C GLN C 285 -28.52 8.92 -10.20
N ALA C 286 -27.89 8.23 -9.27
CA ALA C 286 -27.72 8.70 -7.90
C ALA C 286 -26.94 10.01 -7.83
N LYS C 287 -27.09 10.69 -6.70
CA LYS C 287 -26.39 11.96 -6.48
C LYS C 287 -25.14 11.72 -5.67
N GLY C 288 -25.18 10.71 -4.80
CA GLY C 288 -24.04 10.39 -3.97
C GLY C 288 -23.32 9.12 -4.41
N PRO C 289 -22.41 8.60 -3.58
CA PRO C 289 -21.66 7.38 -3.90
C PRO C 289 -22.55 6.18 -4.22
N SER C 290 -22.27 5.52 -5.33
CA SER C 290 -23.01 4.36 -5.77
C SER C 290 -22.13 3.71 -6.83
N PRO C 291 -22.34 2.43 -7.14
CA PRO C 291 -21.50 1.80 -8.15
C PRO C 291 -21.41 2.56 -9.48
N GLN C 292 -22.52 3.18 -9.90
CA GLN C 292 -22.52 3.95 -11.15
C GLN C 292 -21.68 5.21 -11.02
N THR C 293 -21.97 6.01 -9.99
CA THR C 293 -21.25 7.26 -9.78
C THR C 293 -19.78 7.05 -9.44
N ASN C 294 -19.47 6.00 -8.68
CA ASN C 294 -18.07 5.72 -8.32
C ASN C 294 -17.30 5.42 -9.58
N LYS C 295 -17.89 4.61 -10.46
CA LYS C 295 -17.22 4.28 -11.71
C LYS C 295 -17.01 5.57 -12.50
N GLU C 296 -18.04 6.41 -12.54
CA GLU C 296 -17.97 7.66 -13.26
C GLU C 296 -16.85 8.55 -12.70
N LEU C 297 -16.79 8.70 -11.38
CA LEU C 297 -15.75 9.52 -10.75
C LEU C 297 -14.38 8.98 -11.13
N GLY C 298 -14.24 7.65 -11.14
CA GLY C 298 -12.97 7.05 -11.49
C GLY C 298 -12.51 7.45 -12.88
N ASN C 299 -13.44 7.43 -13.83
CA ASN C 299 -13.12 7.82 -15.21
C ASN C 299 -12.80 9.30 -15.28
N PHE C 300 -13.43 10.08 -14.40
CA PHE C 300 -13.17 11.51 -14.37
C PHE C 300 -11.72 11.79 -14.02
N PHE C 301 -11.22 11.16 -12.97
CA PHE C 301 -9.83 11.39 -12.58
C PHE C 301 -8.86 10.87 -13.62
N ARG C 302 -9.26 9.82 -14.31
CA ARG C 302 -8.42 9.23 -15.34
C ARG C 302 -8.32 10.18 -16.53
N SER C 303 -9.45 10.78 -16.91
CA SER C 303 -9.43 11.70 -18.05
C SER C 303 -8.72 12.99 -17.66
N LEU C 304 -8.68 13.30 -16.37
CA LEU C 304 -8.02 14.50 -15.90
C LEU C 304 -6.49 14.37 -15.75
N TRP C 305 -6.04 13.29 -15.12
CA TRP C 305 -4.63 13.08 -14.85
C TRP C 305 -3.87 12.15 -15.80
N GLY C 306 -4.57 11.29 -16.52
CA GLY C 306 -3.87 10.42 -17.45
C GLY C 306 -3.52 9.02 -16.99
N PRO C 307 -2.59 8.36 -17.68
CA PRO C 307 -2.11 7.00 -17.40
C PRO C 307 -1.70 6.72 -15.96
N TYR C 308 -1.19 7.73 -15.26
CA TYR C 308 -0.78 7.56 -13.87
C TYR C 308 -1.74 8.24 -12.90
N ALA C 309 -3.01 8.26 -13.25
CA ALA C 309 -4.06 8.88 -12.44
C ALA C 309 -4.14 8.33 -11.02
N GLY C 310 -3.81 7.04 -10.85
CA GLY C 310 -3.87 6.46 -9.52
C GLY C 310 -2.82 7.05 -8.61
N TRP C 311 -1.65 7.35 -9.18
CA TRP C 311 -0.57 7.94 -8.42
C TRP C 311 -0.93 9.38 -8.03
N ALA C 312 -1.67 10.06 -8.91
CA ALA C 312 -2.07 11.43 -8.62
C ALA C 312 -3.06 11.35 -7.47
N GLN C 313 -3.94 10.35 -7.53
CA GLN C 313 -4.93 10.10 -6.49
C GLN C 313 -4.25 9.93 -5.13
N ALA C 314 -3.11 9.25 -5.14
CA ALA C 314 -2.36 9.01 -3.90
C ALA C 314 -1.85 10.29 -3.26
N VAL C 315 -1.44 11.26 -4.07
CA VAL C 315 -0.93 12.51 -3.53
C VAL C 315 -2.05 13.24 -2.80
N LEU C 316 -3.21 13.37 -3.46
CA LEU C 316 -4.32 14.07 -2.84
C LEU C 316 -4.90 13.32 -1.64
N PHE C 317 -4.98 11.99 -1.74
CA PHE C 317 -5.52 11.19 -0.63
C PHE C 317 -4.60 11.34 0.57
N SER C 318 -3.31 11.24 0.32
CA SER C 318 -2.32 11.36 1.39
C SER C 318 -2.33 12.76 1.99
N ALA C 319 -2.42 13.77 1.13
CA ALA C 319 -2.44 15.15 1.60
C ALA C 319 -3.73 15.39 2.40
N ASP C 320 -4.83 14.78 1.95
CA ASP C 320 -6.10 14.95 2.65
C ASP C 320 -6.10 14.26 4.02
N LEU C 321 -5.31 13.19 4.16
CA LEU C 321 -5.21 12.49 5.43
C LEU C 321 -4.42 13.37 6.39
N ARG C 322 -3.27 13.82 5.90
CA ARG C 322 -2.35 14.66 6.65
C ARG C 322 -3.00 15.93 7.17
N GLN C 323 -4.24 16.18 6.75
CA GLN C 323 -4.97 17.38 7.17
C GLN C 323 -6.29 17.02 7.86
CA CA D . -17.12 4.41 5.06
CA CA E . -16.89 -10.21 -5.09
#